data_5WI4
#
_entry.id   5WI4
#
_cell.length_a   91.967
_cell.length_b   91.967
_cell.length_c   83.079
_cell.angle_alpha   90.00
_cell.angle_beta   90.00
_cell.angle_gamma   120.00
#
_symmetry.space_group_name_H-M   'P 32 2 1'
#
loop_
_entity.id
_entity.type
_entity.pdbx_description
1 polymer 'Dynein light chain Tctex-type 1,Rho guanine nucleotide exchange factor 2'
2 non-polymer 'SULFATE ION'
3 water water
#
_entity_poly.entity_id   1
_entity_poly.type   'polypeptide(L)'
_entity_poly.pdbx_seq_one_letter_code
;GSMEDFQASEETAFVVDEVSSIVKEAIESAIGGNAYQHSKVNQWTTNVLEQTLSQLTKLGRPFKYIVTCVIMQKNGAGLH
SASSCFWDSSTDGSCTVRWENKTMYCIVSTFGLSIGGSRRGLSSLSLAKSVSTTNIAGHFNDESP
;
_entity_poly.pdbx_strand_id   A,B,C
#
# COMPACT_ATOMS: atom_id res chain seq x y z
N GLN A 7 16.09 -19.05 -18.95
CA GLN A 7 14.65 -18.92 -18.72
C GLN A 7 14.32 -17.76 -17.78
N ALA A 8 13.96 -16.60 -18.35
CA ALA A 8 13.70 -15.41 -17.55
C ALA A 8 12.73 -14.43 -18.23
N SER A 9 12.02 -13.65 -17.42
CA SER A 9 11.09 -12.67 -17.96
C SER A 9 11.11 -11.41 -17.12
N GLU A 10 10.74 -10.30 -17.75
CA GLU A 10 10.64 -9.03 -17.06
C GLU A 10 9.66 -9.16 -15.92
N GLU A 11 10.02 -8.62 -14.76
CA GLU A 11 9.17 -8.66 -13.58
C GLU A 11 8.16 -7.54 -13.59
N THR A 12 6.89 -7.90 -13.73
CA THR A 12 5.81 -6.94 -13.84
C THR A 12 5.21 -6.54 -12.49
N ALA A 13 5.64 -7.21 -11.42
CA ALA A 13 5.09 -6.95 -10.07
C ALA A 13 6.01 -6.15 -9.16
N PHE A 14 5.42 -5.38 -8.24
CA PHE A 14 6.18 -4.72 -7.18
C PHE A 14 6.51 -5.78 -6.15
N VAL A 15 7.80 -6.01 -5.93
CA VAL A 15 8.23 -7.06 -5.00
C VAL A 15 8.87 -6.43 -3.76
N VAL A 16 8.13 -6.46 -2.66
CA VAL A 16 8.44 -5.72 -1.45
C VAL A 16 9.78 -6.06 -0.82
N ASP A 17 10.15 -7.34 -0.79
CA ASP A 17 11.39 -7.74 -0.12
C ASP A 17 12.59 -7.20 -0.84
N GLU A 18 12.50 -7.19 -2.15
CA GLU A 18 13.58 -6.68 -2.99
C GLU A 18 13.75 -5.19 -2.77
N VAL A 19 12.62 -4.48 -2.74
CA VAL A 19 12.64 -3.05 -2.55
C VAL A 19 13.18 -2.75 -1.17
N SER A 20 12.73 -3.53 -0.18
CA SER A 20 13.11 -3.36 1.21
C SER A 20 14.61 -3.51 1.41
N SER A 21 15.21 -4.48 0.72
CA SER A 21 16.63 -4.73 0.83
C SER A 21 17.46 -3.55 0.30
N ILE A 22 17.01 -3.00 -0.82
CA ILE A 22 17.69 -1.86 -1.42
C ILE A 22 17.65 -0.65 -0.50
N VAL A 23 16.47 -0.38 0.05
CA VAL A 23 16.25 0.77 0.93
C VAL A 23 17.11 0.67 2.19
N LYS A 24 17.09 -0.49 2.82
CA LYS A 24 17.90 -0.76 4.00
C LYS A 24 19.37 -0.49 3.72
N GLU A 25 19.85 -0.98 2.58
CA GLU A 25 21.21 -0.73 2.10
C GLU A 25 21.52 0.75 1.90
N ALA A 26 20.57 1.49 1.36
CA ALA A 26 20.78 2.92 1.13
C ALA A 26 20.83 3.68 2.44
N ILE A 27 20.02 3.27 3.41
CA ILE A 27 19.98 3.92 4.72
C ILE A 27 21.27 3.68 5.52
N GLU A 28 21.71 2.43 5.59
CA GLU A 28 22.95 2.07 6.25
C GLU A 28 24.11 2.85 5.66
N SER A 29 24.17 2.89 4.34
CA SER A 29 25.28 3.52 3.65
C SER A 29 25.30 5.02 3.90
N ALA A 30 24.12 5.61 3.96
CA ALA A 30 24.02 7.06 4.06
C ALA A 30 24.21 7.55 5.47
N ILE A 31 23.56 6.90 6.43
CA ILE A 31 23.58 7.43 7.79
C ILE A 31 23.96 6.40 8.85
N GLY A 32 24.14 5.15 8.45
CA GLY A 32 24.45 4.09 9.40
C GLY A 32 25.72 4.40 10.19
N GLY A 33 25.67 4.16 11.50
CA GLY A 33 26.82 4.42 12.35
C GLY A 33 27.04 5.89 12.66
N ASN A 34 26.18 6.76 12.16
CA ASN A 34 26.28 8.18 12.49
C ASN A 34 25.40 8.54 13.67
N ALA A 35 25.87 9.52 14.44
CA ALA A 35 25.05 10.15 15.47
C ALA A 35 24.31 11.29 14.79
N TYR A 36 23.06 11.51 15.17
CA TYR A 36 22.29 12.58 14.57
C TYR A 36 23.06 13.89 14.60
N GLN A 37 23.12 14.56 13.46
CA GLN A 37 23.72 15.89 13.36
C GLN A 37 22.84 16.77 12.50
N HIS A 38 22.42 17.92 13.03
CA HIS A 38 21.48 18.77 12.29
C HIS A 38 22.03 19.21 10.94
N SER A 39 23.33 19.53 10.89
CA SER A 39 23.93 20.10 9.70
C SER A 39 23.97 19.10 8.55
N LYS A 40 23.80 17.83 8.89
CA LYS A 40 24.01 16.74 7.94
C LYS A 40 22.74 16.17 7.33
N VAL A 41 21.61 16.43 7.98
CA VAL A 41 20.35 15.77 7.61
C VAL A 41 19.99 15.96 6.14
N ASN A 42 20.24 17.16 5.62
CA ASN A 42 19.89 17.42 4.23
C ASN A 42 20.73 16.59 3.26
N GLN A 43 22.03 16.52 3.48
CA GLN A 43 22.84 15.70 2.60
C GLN A 43 22.57 14.23 2.85
N TRP A 44 22.27 13.86 4.09
CA TRP A 44 21.92 12.47 4.39
C TRP A 44 20.69 12.07 3.61
N THR A 45 19.66 12.91 3.70
CA THR A 45 18.40 12.63 3.03
C THR A 45 18.60 12.55 1.52
N THR A 46 19.42 13.44 0.99
CA THR A 46 19.70 13.42 -0.45
C THR A 46 20.40 12.12 -0.82
N ASN A 47 21.30 11.67 0.05
CA ASN A 47 22.05 10.45 -0.23
C ASN A 47 21.17 9.20 -0.17
N VAL A 48 20.25 9.13 0.77
CA VAL A 48 19.36 7.98 0.86
C VAL A 48 18.49 7.88 -0.40
N LEU A 49 17.96 9.02 -0.83
CA LEU A 49 17.06 9.06 -1.97
C LEU A 49 17.77 8.70 -3.28
N GLU A 50 18.93 9.31 -3.51
CA GLU A 50 19.74 9.07 -4.71
C GLU A 50 20.09 7.60 -4.91
N GLN A 51 20.64 6.97 -3.89
CA GLN A 51 20.99 5.54 -3.99
C GLN A 51 19.77 4.66 -4.15
N THR A 52 18.70 4.97 -3.43
CA THR A 52 17.49 4.15 -3.51
C THR A 52 16.94 4.18 -4.93
N LEU A 53 16.87 5.37 -5.52
CA LEU A 53 16.30 5.47 -6.84
C LEU A 53 17.26 4.94 -7.87
N SER A 54 18.55 5.04 -7.60
CA SER A 54 19.53 4.50 -8.54
C SER A 54 19.42 2.99 -8.63
N GLN A 55 19.32 2.36 -7.46
CA GLN A 55 19.24 0.90 -7.38
C GLN A 55 17.91 0.38 -7.85
N LEU A 56 16.84 1.14 -7.59
CA LEU A 56 15.51 0.79 -8.06
C LEU A 56 15.43 0.75 -9.58
N THR A 57 15.92 1.81 -10.23
CA THR A 57 15.92 1.87 -11.69
C THR A 57 16.72 0.72 -12.31
N LYS A 58 17.79 0.31 -11.63
CA LYS A 58 18.65 -0.75 -12.15
C LYS A 58 17.95 -2.09 -12.21
N LEU A 59 16.84 -2.24 -11.49
CA LEU A 59 16.07 -3.49 -11.48
C LEU A 59 15.42 -3.76 -12.83
N GLY A 60 15.32 -2.71 -13.64
CA GLY A 60 14.70 -2.80 -14.95
C GLY A 60 13.26 -3.27 -14.94
N ARG A 61 12.43 -2.61 -14.13
CA ARG A 61 11.02 -2.97 -14.06
C ARG A 61 10.16 -1.81 -14.55
N PRO A 62 8.99 -2.11 -15.16
CA PRO A 62 8.12 -1.10 -15.76
C PRO A 62 7.35 -0.30 -14.73
N PHE A 63 8.07 0.48 -13.91
CA PHE A 63 7.45 1.23 -12.83
C PHE A 63 7.92 2.66 -12.74
N LYS A 64 7.03 3.55 -12.30
CA LYS A 64 7.42 4.86 -11.84
C LYS A 64 7.62 4.69 -10.33
N TYR A 65 8.49 5.47 -9.71
CA TYR A 65 8.67 5.37 -8.27
C TYR A 65 8.52 6.71 -7.58
N ILE A 66 7.87 6.71 -6.43
CA ILE A 66 7.90 7.84 -5.52
C ILE A 66 8.60 7.32 -4.30
N VAL A 67 9.63 8.03 -3.83
CA VAL A 67 10.34 7.61 -2.63
C VAL A 67 10.47 8.78 -1.62
N THR A 68 10.00 8.56 -0.40
CA THR A 68 10.05 9.59 0.63
C THR A 68 10.96 9.17 1.78
N CYS A 69 11.80 10.09 2.24
CA CYS A 69 12.71 9.80 3.33
C CYS A 69 12.46 10.78 4.45
N VAL A 70 12.22 10.27 5.65
CA VAL A 70 12.10 11.11 6.83
C VAL A 70 13.20 10.80 7.83
N ILE A 71 13.91 11.82 8.28
CA ILE A 71 14.88 11.67 9.36
C ILE A 71 14.48 12.54 10.54
N MET A 72 14.46 11.95 11.73
CA MET A 72 14.09 12.69 12.92
C MET A 72 14.96 12.35 14.12
N GLN A 73 15.35 13.37 14.86
CA GLN A 73 16.07 13.18 16.12
C GLN A 73 15.20 12.46 17.14
N LYS A 74 15.79 11.52 17.87
CA LYS A 74 15.04 10.74 18.87
C LYS A 74 14.57 11.56 20.07
N ASN A 75 15.14 12.77 20.21
CA ASN A 75 14.71 13.77 21.20
C ASN A 75 13.33 13.58 21.82
N GLY A 78 7.82 13.16 18.26
CA GLY A 78 6.56 12.56 17.83
C GLY A 78 6.27 12.68 16.34
N LEU A 79 5.98 11.56 15.71
CA LEU A 79 5.67 11.53 14.29
C LEU A 79 4.46 10.65 14.01
N HIS A 80 3.55 11.15 13.20
CA HIS A 80 2.40 10.37 12.81
C HIS A 80 2.16 10.60 11.33
N SER A 81 2.27 9.54 10.56
CA SER A 81 2.16 9.67 9.13
C SER A 81 1.36 8.51 8.58
N ALA A 82 0.67 8.77 7.48
CA ALA A 82 -0.08 7.74 6.81
C ALA A 82 -0.26 8.14 5.35
N SER A 83 -0.27 7.15 4.47
CA SER A 83 -0.43 7.41 3.05
C SER A 83 -1.62 6.64 2.47
N SER A 84 -2.26 7.24 1.47
CA SER A 84 -3.37 6.60 0.80
C SER A 84 -3.17 6.77 -0.70
N CYS A 85 -3.62 5.78 -1.47
CA CYS A 85 -3.32 5.74 -2.90
C CYS A 85 -4.53 5.43 -3.78
N PHE A 86 -4.54 6.00 -4.99
CA PHE A 86 -5.49 5.63 -6.02
C PHE A 86 -4.66 5.05 -7.13
N TRP A 87 -4.62 3.73 -7.22
CA TRP A 87 -3.69 3.08 -8.13
C TRP A 87 -4.21 1.75 -8.60
N ASP A 88 -3.43 1.04 -9.41
CA ASP A 88 -3.85 -0.28 -9.87
C ASP A 88 -3.39 -1.35 -8.89
N SER A 89 -4.36 -1.92 -8.17
CA SER A 89 -4.08 -2.84 -7.07
C SER A 89 -3.47 -4.14 -7.54
N SER A 90 -3.60 -4.45 -8.81
CA SER A 90 -3.09 -5.71 -9.33
CA SER A 90 -3.11 -5.71 -9.37
C SER A 90 -1.63 -5.61 -9.73
N THR A 91 -1.11 -4.38 -9.79
CA THR A 91 0.27 -4.19 -10.22
C THR A 91 1.08 -3.20 -9.39
N ASP A 92 0.40 -2.29 -8.69
CA ASP A 92 1.07 -1.26 -7.93
C ASP A 92 1.25 -1.70 -6.48
N GLY A 93 2.20 -1.09 -5.76
CA GLY A 93 2.42 -1.44 -4.38
C GLY A 93 3.31 -0.45 -3.64
N SER A 94 3.51 -0.65 -2.35
CA SER A 94 4.41 0.20 -1.59
C SER A 94 5.24 -0.58 -0.57
N CYS A 95 6.38 -0.01 -0.18
CA CYS A 95 7.26 -0.60 0.81
C CYS A 95 7.71 0.47 1.79
N THR A 96 7.57 0.22 3.09
CA THR A 96 8.06 1.14 4.10
C THR A 96 9.08 0.46 4.99
N VAL A 97 10.21 1.13 5.18
CA VAL A 97 11.26 0.66 6.08
C VAL A 97 11.43 1.66 7.22
N ARG A 98 11.37 1.16 8.46
CA ARG A 98 11.59 1.99 9.63
C ARG A 98 12.89 1.56 10.31
N TRP A 99 13.87 2.46 10.31
CA TRP A 99 15.24 2.18 10.76
C TRP A 99 15.55 3.08 11.93
N GLU A 100 16.30 2.57 12.88
CA GLU A 100 16.72 3.39 14.01
C GLU A 100 18.12 3.07 14.49
N ASN A 101 18.77 4.08 15.04
CA ASN A 101 19.92 3.81 15.89
C ASN A 101 19.69 4.53 17.22
N LYS A 102 20.76 4.73 17.98
CA LYS A 102 20.61 5.31 19.31
C LYS A 102 20.10 6.76 19.30
N THR A 103 20.35 7.49 18.23
CA THR A 103 20.06 8.93 18.22
C THR A 103 19.08 9.45 17.16
N MET A 104 18.65 8.60 16.23
CA MET A 104 17.68 9.05 15.23
C MET A 104 16.86 7.92 14.60
N TYR A 105 15.76 8.30 13.94
CA TYR A 105 14.92 7.39 13.16
C TYR A 105 15.11 7.75 11.70
N CYS A 106 15.08 6.76 10.83
CA CYS A 106 14.98 7.04 9.40
C CYS A 106 13.88 6.21 8.80
N ILE A 107 12.80 6.87 8.36
CA ILE A 107 11.70 6.18 7.71
C ILE A 107 11.70 6.47 6.23
N VAL A 108 11.76 5.41 5.42
CA VAL A 108 11.74 5.57 3.98
C VAL A 108 10.52 4.87 3.37
N SER A 109 9.66 5.63 2.70
CA SER A 109 8.50 5.04 2.03
C SER A 109 8.75 4.98 0.54
N THR A 110 8.45 3.84 -0.08
CA THR A 110 8.59 3.67 -1.52
C THR A 110 7.26 3.29 -2.15
N PHE A 111 6.86 3.99 -3.20
CA PHE A 111 5.63 3.64 -3.92
C PHE A 111 5.96 3.35 -5.38
N GLY A 112 5.59 2.14 -5.83
CA GLY A 112 5.82 1.72 -7.19
C GLY A 112 4.53 1.64 -7.98
N LEU A 113 4.44 2.40 -9.05
CA LEU A 113 3.24 2.40 -9.87
C LEU A 113 3.58 2.00 -11.31
N SER A 114 2.94 0.93 -11.78
CA SER A 114 3.27 0.35 -13.09
C SER A 114 2.99 1.33 -14.20
N ILE A 115 3.84 1.32 -15.21
CA ILE A 115 3.61 2.09 -16.41
C ILE A 115 2.59 1.36 -17.29
N ARG A 120 -8.59 0.17 -19.26
CA ARG A 120 -9.92 0.66 -18.96
C ARG A 120 -9.92 2.05 -18.32
N GLY A 121 -8.74 2.59 -18.08
CA GLY A 121 -8.60 3.87 -17.42
C GLY A 121 -8.93 3.82 -15.94
N LEU A 122 -9.58 4.87 -15.45
CA LEU A 122 -9.92 4.98 -14.03
C LEU A 122 -10.63 3.76 -13.46
N SER A 123 -11.43 3.09 -14.28
CA SER A 123 -12.19 1.90 -13.86
C SER A 123 -11.29 0.80 -13.29
N SER A 124 -10.06 0.73 -13.79
CA SER A 124 -9.07 -0.25 -13.36
C SER A 124 -8.42 0.13 -12.03
N LEU A 125 -8.59 1.38 -11.63
CA LEU A 125 -7.95 1.87 -10.42
C LEU A 125 -8.79 1.62 -9.17
N SER A 126 -8.10 1.60 -8.03
CA SER A 126 -8.70 1.19 -6.78
C SER A 126 -8.09 2.02 -5.65
N LEU A 127 -8.85 2.27 -4.59
CA LEU A 127 -8.36 3.05 -3.43
C LEU A 127 -7.71 2.12 -2.40
N ALA A 128 -6.50 2.46 -1.99
CA ALA A 128 -5.79 1.74 -0.94
C ALA A 128 -5.59 2.68 0.23
N LYS A 129 -6.04 2.28 1.40
CA LYS A 129 -6.04 3.19 2.53
C LYS A 129 -4.98 2.85 3.57
N SER A 130 -4.41 3.87 4.18
CA SER A 130 -3.34 3.74 5.19
C SER A 130 -2.31 2.69 4.83
N VAL A 131 -1.56 2.93 3.76
CA VAL A 131 -0.64 1.93 3.25
C VAL A 131 0.77 2.06 3.85
N SER A 132 1.10 3.26 4.30
CA SER A 132 2.42 3.52 4.86
C SER A 132 2.31 4.27 6.18
N THR A 133 1.81 3.57 7.20
CA THR A 133 1.56 4.16 8.52
C THR A 133 2.76 4.09 9.43
N THR A 134 3.07 5.22 10.04
CA THR A 134 4.15 5.28 11.01
C THR A 134 3.68 6.13 12.17
N ASN A 135 3.73 5.57 13.36
CA ASN A 135 3.43 6.35 14.55
C ASN A 135 4.51 6.18 15.60
N ILE A 136 5.19 7.28 15.88
CA ILE A 136 6.23 7.31 16.89
C ILE A 136 5.84 8.28 17.99
N ALA A 137 5.62 7.76 19.19
CA ALA A 137 5.30 8.61 20.33
C ALA A 137 6.52 9.34 20.86
N GLN B 7 -18.09 23.14 -25.21
CA GLN B 7 -16.98 22.38 -25.82
C GLN B 7 -15.89 22.14 -24.80
N ALA B 8 -15.82 20.92 -24.28
CA ALA B 8 -14.87 20.60 -23.23
C ALA B 8 -14.07 19.35 -23.53
N SER B 9 -13.00 19.16 -22.77
CA SER B 9 -12.18 17.98 -22.94
C SER B 9 -11.65 17.53 -21.60
N GLU B 10 -11.31 16.25 -21.54
CA GLU B 10 -10.72 15.67 -20.35
C GLU B 10 -9.42 16.36 -20.04
N GLU B 11 -9.18 16.68 -18.76
CA GLU B 11 -7.98 17.40 -18.36
C GLU B 11 -6.87 16.40 -18.12
N THR B 12 -5.82 16.49 -18.93
CA THR B 12 -4.70 15.56 -18.86
C THR B 12 -3.53 16.07 -17.99
N ALA B 13 -3.53 17.36 -17.66
CA ALA B 13 -2.46 17.95 -16.83
C ALA B 13 -2.70 17.83 -15.33
N PHE B 14 -1.64 17.95 -14.53
CA PHE B 14 -1.73 17.98 -13.07
C PHE B 14 -1.82 19.44 -12.64
N VAL B 15 -3.01 19.89 -12.25
CA VAL B 15 -3.23 21.30 -11.96
C VAL B 15 -3.01 21.61 -10.48
N VAL B 16 -1.82 22.10 -10.16
CA VAL B 16 -1.34 22.25 -8.79
C VAL B 16 -2.27 23.06 -7.88
N ASP B 17 -2.74 24.21 -8.35
CA ASP B 17 -3.55 25.08 -7.51
C ASP B 17 -4.90 24.47 -7.21
N GLU B 18 -5.34 23.59 -8.11
CA GLU B 18 -6.60 22.91 -7.94
C GLU B 18 -6.47 21.83 -6.86
N VAL B 19 -5.36 21.10 -6.92
CA VAL B 19 -5.04 20.07 -5.95
C VAL B 19 -4.86 20.72 -4.58
N SER B 20 -4.12 21.81 -4.53
CA SER B 20 -3.85 22.54 -3.30
C SER B 20 -5.13 22.96 -2.61
N SER B 21 -6.07 23.50 -3.38
CA SER B 21 -7.33 23.97 -2.83
C SER B 21 -8.07 22.83 -2.16
N ILE B 22 -8.13 21.70 -2.87
CA ILE B 22 -8.75 20.50 -2.33
C ILE B 22 -8.08 20.05 -1.05
N VAL B 23 -6.74 20.10 -1.01
CA VAL B 23 -6.01 19.59 0.14
C VAL B 23 -6.18 20.47 1.36
N LYS B 24 -6.09 21.78 1.16
CA LYS B 24 -6.23 22.72 2.26
C LYS B 24 -7.62 22.58 2.86
N GLU B 25 -8.61 22.43 2.00
CA GLU B 25 -9.99 22.27 2.43
C GLU B 25 -10.17 20.96 3.21
N ALA B 26 -9.41 19.94 2.87
CA ALA B 26 -9.50 18.65 3.56
C ALA B 26 -8.86 18.70 4.96
N ILE B 27 -7.82 19.51 5.11
CA ILE B 27 -7.11 19.69 6.39
C ILE B 27 -7.93 20.53 7.37
N GLU B 28 -8.50 21.63 6.89
CA GLU B 28 -9.37 22.47 7.70
C GLU B 28 -10.55 21.69 8.24
N SER B 29 -11.21 20.98 7.33
CA SER B 29 -12.37 20.18 7.69
C SER B 29 -12.00 19.18 8.77
N ALA B 30 -10.82 18.59 8.62
CA ALA B 30 -10.41 17.51 9.49
C ALA B 30 -9.92 18.02 10.84
N ILE B 31 -9.02 18.99 10.85
CA ILE B 31 -8.34 19.33 12.10
C ILE B 31 -8.36 20.80 12.41
N GLY B 32 -8.92 21.61 11.52
CA GLY B 32 -9.01 23.04 11.73
C GLY B 32 -9.74 23.37 13.02
N GLY B 33 -9.18 24.28 13.82
CA GLY B 33 -9.83 24.67 15.04
C GLY B 33 -9.64 23.70 16.19
N ASN B 34 -8.95 22.58 15.93
CA ASN B 34 -8.65 21.65 17.00
C ASN B 34 -7.30 21.97 17.62
N ALA B 35 -7.18 21.68 18.90
CA ALA B 35 -5.90 21.69 19.59
C ALA B 35 -5.36 20.30 19.44
N TYR B 36 -4.05 20.13 19.34
CA TYR B 36 -3.48 18.80 19.16
C TYR B 36 -3.95 17.85 20.25
N GLN B 37 -4.45 16.68 19.84
CA GLN B 37 -4.88 15.63 20.78
C GLN B 37 -4.32 14.27 20.34
N HIS B 38 -3.48 13.65 21.17
CA HIS B 38 -2.81 12.41 20.78
C HIS B 38 -3.79 11.32 20.41
N SER B 39 -4.92 11.27 21.11
CA SER B 39 -5.88 10.20 20.93
C SER B 39 -6.61 10.33 19.59
N LYS B 40 -6.47 11.48 18.95
CA LYS B 40 -7.27 11.78 17.78
C LYS B 40 -6.47 11.70 16.49
N VAL B 41 -5.16 11.73 16.61
CA VAL B 41 -4.31 11.94 15.44
C VAL B 41 -4.56 10.94 14.32
N ASN B 42 -4.74 9.67 14.66
CA ASN B 42 -4.95 8.66 13.64
C ASN B 42 -6.29 8.83 12.95
N GLN B 43 -7.30 9.22 13.72
CA GLN B 43 -8.60 9.55 13.16
C GLN B 43 -8.47 10.73 12.21
N TRP B 44 -7.69 11.71 12.63
CA TRP B 44 -7.47 12.93 11.84
C TRP B 44 -6.77 12.68 10.51
N THR B 45 -5.69 11.91 10.53
CA THR B 45 -4.95 11.66 9.29
C THR B 45 -5.81 10.85 8.32
N THR B 46 -6.58 9.91 8.86
CA THR B 46 -7.49 9.14 8.03
C THR B 46 -8.49 10.09 7.39
N ASN B 47 -8.96 11.07 8.15
CA ASN B 47 -9.94 12.01 7.65
C ASN B 47 -9.41 12.94 6.59
N VAL B 48 -8.16 13.39 6.76
CA VAL B 48 -7.56 14.25 5.74
C VAL B 48 -7.43 13.44 4.44
N LEU B 49 -6.96 12.22 4.56
CA LEU B 49 -6.69 11.38 3.39
C LEU B 49 -7.94 10.99 2.61
N GLU B 50 -9.01 10.61 3.33
CA GLU B 50 -10.24 10.18 2.65
C GLU B 50 -10.95 11.31 1.90
N GLN B 51 -11.05 12.50 2.50
CA GLN B 51 -11.66 13.61 1.79
C GLN B 51 -10.83 14.00 0.57
N THR B 52 -9.51 14.05 0.76
CA THR B 52 -8.59 14.46 -0.32
C THR B 52 -8.71 13.53 -1.51
N LEU B 53 -8.63 12.24 -1.26
CA LEU B 53 -8.72 11.28 -2.33
C LEU B 53 -10.10 11.26 -2.95
N SER B 54 -11.13 11.42 -2.13
CA SER B 54 -12.51 11.47 -2.62
C SER B 54 -12.69 12.60 -3.62
N GLN B 55 -12.23 13.78 -3.25
CA GLN B 55 -12.36 14.95 -4.08
C GLN B 55 -11.48 14.88 -5.31
N LEU B 56 -10.30 14.30 -5.15
CA LEU B 56 -9.36 14.15 -6.27
C LEU B 56 -9.92 13.22 -7.33
N THR B 57 -10.42 12.07 -6.90
CA THR B 57 -10.95 11.09 -7.83
C THR B 57 -12.15 11.66 -8.56
N LYS B 58 -12.93 12.50 -7.88
CA LYS B 58 -14.11 13.09 -8.48
C LYS B 58 -13.77 14.05 -9.61
N LEU B 59 -12.53 14.52 -9.66
CA LEU B 59 -12.07 15.36 -10.77
C LEU B 59 -12.11 14.62 -12.12
N GLY B 60 -12.15 13.29 -12.07
CA GLY B 60 -12.22 12.47 -13.26
C GLY B 60 -11.04 12.67 -14.19
N ARG B 61 -9.85 12.74 -13.62
CA ARG B 61 -8.64 12.96 -14.41
C ARG B 61 -7.76 11.70 -14.45
N PRO B 62 -7.07 11.45 -15.59
CA PRO B 62 -6.36 10.19 -15.76
C PRO B 62 -5.06 10.15 -15.01
N PHE B 63 -5.16 10.02 -13.70
CA PHE B 63 -4.01 9.99 -12.81
C PHE B 63 -4.17 8.95 -11.74
N LYS B 64 -3.07 8.29 -11.39
CA LYS B 64 -2.98 7.59 -10.12
C LYS B 64 -2.49 8.62 -9.10
N TYR B 65 -2.86 8.46 -7.84
CA TYR B 65 -2.45 9.41 -6.81
C TYR B 65 -1.82 8.69 -5.64
N ILE B 66 -0.76 9.30 -5.09
CA ILE B 66 -0.20 8.89 -3.82
C ILE B 66 -0.38 10.09 -2.94
N VAL B 67 -1.08 9.96 -1.81
CA VAL B 67 -1.26 11.10 -0.91
C VAL B 67 -0.74 10.75 0.48
N THR B 68 0.10 11.62 1.03
CA THR B 68 0.70 11.37 2.33
C THR B 68 0.35 12.51 3.27
N CYS B 69 -0.09 12.17 4.47
CA CYS B 69 -0.41 13.19 5.46
C CYS B 69 0.44 13.00 6.70
N VAL B 70 1.12 14.06 7.12
CA VAL B 70 1.86 14.04 8.37
C VAL B 70 1.26 15.05 9.35
N ILE B 71 1.07 14.61 10.59
CA ILE B 71 0.67 15.52 11.67
C ILE B 71 1.69 15.42 12.81
N MET B 72 2.16 16.58 13.27
CA MET B 72 3.14 16.61 14.34
C MET B 72 2.80 17.70 15.32
N GLN B 73 2.89 17.38 16.60
CA GLN B 73 2.68 18.39 17.65
C GLN B 73 3.83 19.38 17.67
N LYS B 74 3.55 20.63 18.05
CA LYS B 74 4.57 21.68 18.14
C LYS B 74 5.43 21.65 19.43
N GLY B 78 10.95 18.40 15.73
CA GLY B 78 11.82 18.48 14.57
C GLY B 78 11.49 17.45 13.51
N LEU B 79 11.43 17.88 12.25
CA LEU B 79 11.04 17.01 11.15
C LEU B 79 11.78 17.35 9.87
N HIS B 80 12.35 16.36 9.22
CA HIS B 80 13.01 16.60 7.96
C HIS B 80 12.61 15.54 6.95
N SER B 81 11.89 15.97 5.94
CA SER B 81 11.42 15.06 4.93
C SER B 81 11.78 15.59 3.55
N ALA B 82 11.94 14.67 2.61
CA ALA B 82 12.12 15.04 1.22
C ALA B 82 11.69 13.86 0.36
N SER B 83 11.09 14.13 -0.79
CA SER B 83 10.65 13.08 -1.69
C SER B 83 11.26 13.25 -3.07
N SER B 84 11.63 12.14 -3.71
CA SER B 84 12.15 12.16 -5.07
C SER B 84 11.38 11.16 -5.91
N CYS B 85 11.37 11.35 -7.22
CA CYS B 85 10.60 10.48 -8.09
C CYS B 85 11.36 9.99 -9.30
N PHE B 86 10.93 8.84 -9.81
CA PHE B 86 11.30 8.41 -11.15
C PHE B 86 9.98 8.35 -11.90
N TRP B 87 9.71 9.36 -12.70
CA TRP B 87 8.39 9.49 -13.32
C TRP B 87 8.46 10.19 -14.65
N ASP B 88 7.31 10.44 -15.26
CA ASP B 88 7.28 11.20 -16.51
C ASP B 88 7.17 12.68 -16.16
N SER B 89 8.26 13.42 -16.39
CA SER B 89 8.26 14.82 -16.02
C SER B 89 7.38 15.68 -16.95
N SER B 90 6.95 15.10 -18.06
CA SER B 90 6.11 15.85 -18.99
CA SER B 90 6.10 15.80 -19.02
C SER B 90 4.63 15.70 -18.64
N THR B 91 4.29 14.68 -17.86
CA THR B 91 2.90 14.43 -17.50
C THR B 91 2.63 14.48 -15.98
N ASP B 92 3.62 14.09 -15.20
CA ASP B 92 3.42 13.88 -13.76
C ASP B 92 3.71 15.14 -12.93
N GLY B 93 3.13 15.20 -11.73
CA GLY B 93 3.30 16.37 -10.88
C GLY B 93 3.14 16.08 -9.40
N SER B 94 3.44 17.08 -8.57
CA SER B 94 3.15 16.99 -7.14
C SER B 94 2.74 18.34 -6.55
N CYS B 95 2.06 18.27 -5.41
CA CYS B 95 1.63 19.46 -4.71
C CYS B 95 1.83 19.19 -3.21
N THR B 96 2.44 20.15 -2.51
CA THR B 96 2.65 20.01 -1.07
C THR B 96 2.03 21.18 -0.32
N VAL B 97 1.27 20.86 0.71
CA VAL B 97 0.60 21.86 1.54
C VAL B 97 1.09 21.78 3.00
N ARG B 98 1.63 22.90 3.50
CA ARG B 98 2.12 22.97 4.87
C ARG B 98 1.22 23.90 5.70
N TRP B 99 0.47 23.31 6.62
CA TRP B 99 -0.58 23.99 7.38
C TRP B 99 -0.26 23.91 8.85
N GLU B 100 -0.52 25.00 9.57
CA GLU B 100 -0.32 24.97 11.01
C GLU B 100 -1.38 25.77 11.77
N ASN B 101 -1.50 25.47 13.05
CA ASN B 101 -2.17 26.35 13.99
C ASN B 101 -1.27 26.52 15.19
N LYS B 102 -1.82 26.99 16.31
CA LYS B 102 -1.01 27.21 17.50
C LYS B 102 -0.40 25.91 18.06
N THR B 103 -1.09 24.79 17.92
CA THR B 103 -0.63 23.56 18.57
C THR B 103 -0.02 22.47 17.68
N MET B 104 -0.17 22.59 16.36
CA MET B 104 0.33 21.52 15.49
C MET B 104 0.65 21.91 14.05
N TYR B 105 1.37 21.02 13.36
CA TYR B 105 1.64 21.13 11.92
C TYR B 105 0.90 20.00 11.18
N CYS B 106 0.39 20.29 10.00
CA CYS B 106 -0.08 19.23 9.10
C CYS B 106 0.54 19.40 7.72
N ILE B 107 1.27 18.38 7.28
CA ILE B 107 1.90 18.41 5.96
C ILE B 107 1.28 17.35 5.11
N VAL B 108 0.70 17.73 3.98
CA VAL B 108 0.13 16.76 3.07
C VAL B 108 0.81 16.83 1.70
N SER B 109 1.39 15.71 1.28
CA SER B 109 2.08 15.61 -0.01
C SER B 109 1.21 14.81 -0.97
N THR B 110 0.98 15.37 -2.16
CA THR B 110 0.20 14.69 -3.21
C THR B 110 1.04 14.47 -4.46
N PHE B 111 1.09 13.24 -4.96
CA PHE B 111 1.80 12.91 -6.19
C PHE B 111 0.83 12.33 -7.21
N GLY B 112 0.73 12.97 -8.38
CA GLY B 112 -0.09 12.48 -9.47
C GLY B 112 0.76 11.90 -10.59
N LEU B 113 0.50 10.64 -10.93
CA LEU B 113 1.21 9.95 -12.00
C LEU B 113 0.22 9.64 -13.11
N SER B 114 0.43 10.22 -14.28
CA SER B 114 -0.48 10.02 -15.40
C SER B 114 -0.55 8.55 -15.79
N ILE B 115 -1.74 8.08 -16.13
CA ILE B 115 -1.84 6.72 -16.66
C ILE B 115 -1.59 6.73 -18.17
N GLY B 116 -1.25 7.91 -18.68
CA GLY B 116 -0.79 8.04 -20.06
C GLY B 116 0.71 8.29 -20.11
N ARG B 120 9.41 4.79 -25.09
CA ARG B 120 8.32 4.39 -24.21
C ARG B 120 8.79 3.33 -23.22
N GLY B 121 8.11 3.24 -22.09
CA GLY B 121 8.61 2.42 -21.00
C GLY B 121 9.57 3.29 -20.22
N LEU B 122 10.61 2.68 -19.65
CA LEU B 122 11.55 3.37 -18.78
C LEU B 122 12.25 4.56 -19.40
N SER B 123 12.59 4.47 -20.69
CA SER B 123 13.40 5.51 -21.31
C SER B 123 12.67 6.84 -21.39
N SER B 124 11.35 6.84 -21.19
CA SER B 124 10.56 8.07 -21.20
C SER B 124 10.49 8.72 -19.81
N LEU B 125 11.04 8.03 -18.81
CA LEU B 125 11.00 8.50 -17.42
C LEU B 125 12.30 9.22 -17.02
N SER B 126 12.19 10.12 -16.05
CA SER B 126 13.37 10.85 -15.56
C SER B 126 13.33 11.00 -14.04
N LEU B 127 14.50 11.20 -13.44
CA LEU B 127 14.61 11.47 -12.00
C LEU B 127 14.29 12.91 -11.70
N ALA B 128 13.43 13.12 -10.70
CA ALA B 128 13.19 14.46 -10.18
C ALA B 128 13.52 14.47 -8.70
N LYS B 129 14.47 15.30 -8.32
CA LYS B 129 14.96 15.29 -6.95
C LYS B 129 14.26 16.34 -6.10
N SER B 130 13.95 15.98 -4.86
CA SER B 130 13.38 16.90 -3.87
C SER B 130 12.18 17.65 -4.38
N VAL B 131 11.20 16.91 -4.91
CA VAL B 131 10.01 17.54 -5.44
C VAL B 131 9.14 18.01 -4.27
N SER B 132 9.24 17.31 -3.16
CA SER B 132 8.54 17.69 -1.94
C SER B 132 9.52 17.62 -0.78
N THR B 133 9.76 18.75 -0.11
CA THR B 133 10.67 18.80 1.03
C THR B 133 10.07 19.59 2.15
N THR B 134 10.37 19.19 3.38
CA THR B 134 9.80 19.81 4.55
C THR B 134 10.80 19.75 5.68
N ASN B 135 11.24 20.92 6.13
CA ASN B 135 12.16 20.98 7.25
C ASN B 135 11.57 21.81 8.38
N ILE B 136 11.25 21.14 9.47
CA ILE B 136 10.77 21.81 10.68
C ILE B 136 11.82 21.69 11.76
N ALA B 137 12.37 22.81 12.20
CA ALA B 137 13.37 22.81 13.26
C ALA B 137 12.72 22.67 14.64
N GLN C 7 -3.99 -42.21 -18.45
CA GLN C 7 -5.44 -42.29 -18.21
C GLN C 7 -5.91 -41.24 -17.20
N ALA C 8 -6.32 -40.08 -17.69
CA ALA C 8 -6.66 -38.96 -16.79
C ALA C 8 -7.67 -38.01 -17.41
N SER C 9 -8.29 -37.18 -16.57
CA SER C 9 -9.23 -36.18 -17.06
C SER C 9 -9.20 -34.95 -16.18
N GLU C 10 -9.53 -33.81 -16.79
CA GLU C 10 -9.62 -32.55 -16.09
C GLU C 10 -10.53 -32.67 -14.88
N GLU C 11 -10.07 -32.18 -13.74
CA GLU C 11 -10.82 -32.27 -12.48
C GLU C 11 -11.81 -31.14 -12.33
N THR C 12 -13.09 -31.46 -12.51
CA THR C 12 -14.16 -30.48 -12.54
C THR C 12 -14.77 -30.19 -11.16
N ALA C 13 -14.40 -30.97 -10.15
CA ALA C 13 -14.93 -30.81 -8.79
C ALA C 13 -14.09 -29.86 -7.94
N PHE C 14 -14.69 -29.28 -6.90
CA PHE C 14 -13.95 -28.49 -5.92
C PHE C 14 -13.55 -29.42 -4.78
N VAL C 15 -12.28 -29.77 -4.71
CA VAL C 15 -11.82 -30.75 -3.74
C VAL C 15 -11.24 -30.07 -2.51
N VAL C 16 -12.02 -30.09 -1.43
CA VAL C 16 -11.76 -29.31 -0.22
C VAL C 16 -10.41 -29.59 0.43
N ASP C 17 -10.05 -30.85 0.54
CA ASP C 17 -8.80 -31.22 1.19
C ASP C 17 -7.59 -30.76 0.40
N GLU C 18 -7.73 -30.69 -0.91
CA GLU C 18 -6.63 -30.23 -1.74
C GLU C 18 -6.44 -28.73 -1.59
N VAL C 19 -7.55 -27.98 -1.61
CA VAL C 19 -7.54 -26.55 -1.39
C VAL C 19 -6.98 -26.23 0.00
N SER C 20 -7.41 -27.00 0.99
CA SER C 20 -6.99 -26.79 2.38
C SER C 20 -5.49 -26.96 2.56
N SER C 21 -4.94 -28.00 1.95
CA SER C 21 -3.50 -28.26 2.00
C SER C 21 -2.73 -27.06 1.47
N ILE C 22 -3.12 -26.59 0.29
CA ILE C 22 -2.52 -25.41 -0.29
C ILE C 22 -2.58 -24.21 0.66
N VAL C 23 -3.75 -24.00 1.27
CA VAL C 23 -3.95 -22.81 2.10
C VAL C 23 -3.06 -22.84 3.31
N LYS C 24 -3.01 -23.98 3.99
CA LYS C 24 -2.19 -24.12 5.18
C LYS C 24 -0.72 -23.86 4.86
N GLU C 25 -0.25 -24.39 3.74
CA GLU C 25 1.13 -24.21 3.33
C GLU C 25 1.45 -22.74 3.02
N ALA C 26 0.52 -22.02 2.39
CA ALA C 26 0.71 -20.60 2.12
C ALA C 26 0.77 -19.73 3.38
N ILE C 27 -0.05 -20.07 4.38
CA ILE C 27 -0.06 -19.31 5.64
C ILE C 27 1.24 -19.49 6.41
N GLU C 28 1.71 -20.72 6.46
CA GLU C 28 2.98 -21.04 7.14
C GLU C 28 4.13 -20.30 6.50
N SER C 29 4.19 -20.38 5.18
CA SER C 29 5.25 -19.74 4.44
C SER C 29 5.24 -18.24 4.69
N ALA C 30 4.04 -17.68 4.73
CA ALA C 30 3.90 -16.24 4.82
C ALA C 30 4.17 -15.69 6.22
N ILE C 31 3.58 -16.32 7.24
CA ILE C 31 3.59 -15.75 8.58
C ILE C 31 4.01 -16.74 9.67
N GLY C 32 4.17 -18.00 9.32
CA GLY C 32 4.54 -19.01 10.30
C GLY C 32 5.84 -18.65 11.00
N GLY C 33 5.88 -18.82 12.31
CA GLY C 33 7.08 -18.52 13.06
C GLY C 33 7.26 -17.04 13.40
N ASN C 34 6.32 -16.20 12.98
CA ASN C 34 6.37 -14.80 13.36
C ASN C 34 5.50 -14.52 14.57
N ALA C 35 5.94 -13.57 15.38
CA ALA C 35 5.11 -13.00 16.43
C ALA C 35 4.33 -11.91 15.74
N TYR C 36 3.09 -11.72 16.15
CA TYR C 36 2.28 -10.70 15.53
C TYR C 36 3.02 -9.39 15.53
N GLN C 37 3.03 -8.72 14.37
CA GLN C 37 3.60 -7.38 14.25
C GLN C 37 2.68 -6.49 13.42
N HIS C 38 2.23 -5.39 13.98
CA HIS C 38 1.30 -4.50 13.31
C HIS C 38 1.77 -4.06 11.92
N SER C 39 3.04 -3.67 11.84
CA SER C 39 3.56 -3.10 10.61
C SER C 39 3.64 -4.12 9.48
N LYS C 40 3.53 -5.40 9.83
CA LYS C 40 3.82 -6.47 8.88
C LYS C 40 2.56 -7.04 8.24
N VAL C 41 1.43 -6.80 8.86
CA VAL C 41 0.20 -7.49 8.48
C VAL C 41 -0.18 -7.35 7.00
N ASN C 42 0.03 -6.18 6.42
CA ASN C 42 -0.35 -5.95 5.04
C ASN C 42 0.43 -6.82 4.08
N GLN C 43 1.73 -6.90 4.30
CA GLN C 43 2.56 -7.70 3.42
C GLN C 43 2.27 -9.16 3.67
N TRP C 44 2.02 -9.52 4.92
CA TRP C 44 1.64 -10.88 5.27
C TRP C 44 0.39 -11.30 4.53
N THR C 45 -0.63 -10.45 4.60
CA THR C 45 -1.91 -10.74 3.98
C THR C 45 -1.76 -10.92 2.48
N THR C 46 -1.05 -10.00 1.85
CA THR C 46 -0.80 -10.06 0.42
C THR C 46 -0.06 -11.34 0.07
N ASN C 47 0.85 -11.75 0.94
CA ASN C 47 1.64 -12.94 0.69
C ASN C 47 0.85 -14.24 0.78
N VAL C 48 -0.03 -14.32 1.77
CA VAL C 48 -0.87 -15.50 1.90
C VAL C 48 -1.71 -15.65 0.62
N LEU C 49 -2.26 -14.55 0.13
CA LEU C 49 -3.17 -14.59 -1.01
C LEU C 49 -2.48 -14.94 -2.34
N GLU C 50 -1.31 -14.36 -2.58
CA GLU C 50 -0.51 -14.63 -3.77
C GLU C 50 -0.22 -16.11 -3.92
N GLN C 51 0.42 -16.68 -2.91
CA GLN C 51 0.82 -18.07 -2.93
C GLN C 51 -0.38 -18.97 -3.07
N THR C 52 -1.46 -18.62 -2.36
CA THR C 52 -2.70 -19.39 -2.43
C THR C 52 -3.25 -19.42 -3.84
N LEU C 53 -3.34 -18.25 -4.47
CA LEU C 53 -3.91 -18.18 -5.80
C LEU C 53 -2.96 -18.72 -6.85
N SER C 54 -1.67 -18.53 -6.62
CA SER C 54 -0.68 -19.08 -7.54
C SER C 54 -0.80 -20.58 -7.61
N GLN C 55 -0.89 -21.21 -6.44
CA GLN C 55 -0.98 -22.66 -6.34
C GLN C 55 -2.32 -23.18 -6.83
N LEU C 56 -3.39 -22.49 -6.44
CA LEU C 56 -4.73 -22.81 -6.90
C LEU C 56 -4.82 -22.86 -8.43
N THR C 57 -4.32 -21.80 -9.08
CA THR C 57 -4.39 -21.70 -10.53
C THR C 57 -3.56 -22.78 -11.21
N LYS C 58 -2.46 -23.18 -10.57
CA LYS C 58 -1.61 -24.23 -11.10
C LYS C 58 -2.32 -25.56 -11.20
N LEU C 59 -3.40 -25.73 -10.43
CA LEU C 59 -4.16 -26.98 -10.48
C LEU C 59 -4.82 -27.17 -11.84
N GLY C 60 -4.92 -26.07 -12.59
CA GLY C 60 -5.57 -26.08 -13.89
C GLY C 60 -6.99 -26.61 -13.84
N ARG C 61 -7.77 -26.14 -12.88
CA ARG C 61 -9.16 -26.56 -12.78
C ARG C 61 -10.08 -25.43 -13.23
N PRO C 62 -11.20 -25.79 -13.87
CA PRO C 62 -12.09 -24.80 -14.49
C PRO C 62 -12.88 -24.01 -13.45
N PHE C 63 -12.21 -23.11 -12.74
CA PHE C 63 -12.82 -22.41 -11.61
C PHE C 63 -12.38 -20.97 -11.51
N LYS C 64 -13.30 -20.10 -11.14
CA LYS C 64 -12.95 -18.79 -10.64
C LYS C 64 -12.78 -18.93 -9.13
N TYR C 65 -11.86 -18.17 -8.55
CA TYR C 65 -11.63 -18.24 -7.11
C TYR C 65 -11.80 -16.88 -6.44
N ILE C 66 -12.39 -16.88 -5.26
CA ILE C 66 -12.36 -15.71 -4.41
C ILE C 66 -11.64 -16.18 -3.17
N VAL C 67 -10.61 -15.46 -2.75
CA VAL C 67 -9.87 -15.87 -1.56
C VAL C 67 -9.76 -14.67 -0.62
N THR C 68 -10.07 -14.89 0.66
CA THR C 68 -10.06 -13.83 1.67
C THR C 68 -9.19 -14.24 2.85
N CYS C 69 -8.35 -13.33 3.31
CA CYS C 69 -7.44 -13.63 4.42
C CYS C 69 -7.65 -12.65 5.54
N VAL C 70 -7.89 -13.16 6.75
CA VAL C 70 -8.01 -12.33 7.93
C VAL C 70 -6.89 -12.60 8.92
N ILE C 71 -6.18 -11.55 9.33
CA ILE C 71 -5.20 -11.65 10.40
C ILE C 71 -5.61 -10.75 11.57
N MET C 72 -5.69 -11.32 12.76
CA MET C 72 -6.09 -10.57 13.93
C MET C 72 -5.17 -10.90 15.10
N GLN C 73 -4.80 -9.91 15.88
CA GLN C 73 -3.98 -10.14 17.07
C GLN C 73 -4.80 -10.85 18.14
N LYS C 74 -4.16 -11.73 18.91
CA LYS C 74 -4.86 -12.55 19.91
C LYS C 74 -5.34 -11.81 21.18
N ASN C 75 -4.68 -10.72 21.55
CA ASN C 75 -5.15 -9.91 22.68
C ASN C 75 -6.27 -8.96 22.28
N GLY C 78 -12.42 -9.73 19.46
CA GLY C 78 -13.46 -10.65 19.00
C GLY C 78 -13.76 -10.53 17.52
N LEU C 79 -14.00 -11.67 16.88
CA LEU C 79 -14.28 -11.71 15.45
C LEU C 79 -15.47 -12.59 15.12
N HIS C 80 -16.47 -12.04 14.47
CA HIS C 80 -17.48 -12.92 13.90
C HIS C 80 -17.68 -12.63 12.43
N SER C 81 -17.68 -13.69 11.65
CA SER C 81 -17.82 -13.57 10.23
C SER C 81 -18.65 -14.73 9.74
N ALA C 82 -19.31 -14.53 8.62
CA ALA C 82 -20.03 -15.61 7.96
C ALA C 82 -20.22 -15.21 6.52
N SER C 83 -20.32 -16.18 5.62
CA SER C 83 -20.52 -15.88 4.23
C SER C 83 -21.68 -16.68 3.69
N SER C 84 -22.37 -16.12 2.71
CA SER C 84 -23.44 -16.83 2.02
C SER C 84 -23.26 -16.65 0.52
N CYS C 85 -23.75 -17.60 -0.27
CA CYS C 85 -23.52 -17.58 -1.72
C CYS C 85 -24.78 -17.84 -2.53
N PHE C 86 -24.78 -17.32 -3.75
CA PHE C 86 -25.77 -17.72 -4.74
C PHE C 86 -24.92 -18.30 -5.85
N TRP C 87 -24.90 -19.63 -5.94
CA TRP C 87 -24.01 -20.29 -6.87
C TRP C 87 -24.59 -21.61 -7.33
N ASP C 88 -23.81 -22.35 -8.11
CA ASP C 88 -24.20 -23.68 -8.52
C ASP C 88 -23.76 -24.65 -7.44
N SER C 89 -24.71 -25.20 -6.68
CA SER C 89 -24.35 -26.07 -5.58
C SER C 89 -23.89 -27.44 -6.06
N SER C 90 -24.08 -27.72 -7.35
CA SER C 90 -23.64 -28.99 -7.90
C SER C 90 -22.15 -28.98 -8.18
N THR C 91 -21.62 -27.79 -8.42
CA THR C 91 -20.28 -27.65 -8.97
C THR C 91 -19.39 -26.71 -8.18
N ASP C 92 -19.99 -25.86 -7.36
CA ASP C 92 -19.23 -24.85 -6.61
C ASP C 92 -19.01 -25.29 -5.17
N GLY C 93 -18.09 -24.62 -4.49
CA GLY C 93 -17.77 -24.97 -3.11
C GLY C 93 -16.88 -23.96 -2.40
N SER C 94 -16.62 -24.22 -1.12
CA SER C 94 -15.71 -23.38 -0.35
C SER C 94 -14.95 -24.15 0.72
N CYS C 95 -13.81 -23.60 1.11
CA CYS C 95 -12.94 -24.21 2.09
C CYS C 95 -12.45 -23.11 3.03
N THR C 96 -12.53 -23.34 4.34
CA THR C 96 -12.03 -22.37 5.31
C THR C 96 -10.97 -23.01 6.20
N VAL C 97 -9.86 -22.32 6.36
CA VAL C 97 -8.77 -22.78 7.21
C VAL C 97 -8.54 -21.76 8.33
N ARG C 98 -8.55 -22.24 9.57
CA ARG C 98 -8.33 -21.38 10.72
C ARG C 98 -7.02 -21.76 11.40
N TRP C 99 -6.06 -20.85 11.32
CA TRP C 99 -4.70 -21.10 11.75
C TRP C 99 -4.43 -20.21 12.94
N GLU C 100 -3.56 -20.67 13.83
CA GLU C 100 -3.16 -19.86 14.96
C GLU C 100 -1.73 -20.15 15.39
N ASN C 101 -1.10 -19.16 16.01
CA ASN C 101 0.08 -19.43 16.82
C ASN C 101 -0.12 -18.84 18.21
N LYS C 102 0.96 -18.50 18.89
CA LYS C 102 0.86 -17.96 20.23
C LYS C 102 0.28 -16.53 20.26
N THR C 103 0.47 -15.78 19.18
CA THR C 103 0.13 -14.35 19.19
C THR C 103 -0.87 -13.84 18.15
N MET C 104 -1.31 -14.70 17.22
CA MET C 104 -2.26 -14.25 16.22
C MET C 104 -3.11 -15.37 15.62
N TYR C 105 -4.22 -14.96 14.99
CA TYR C 105 -5.03 -15.85 14.17
C TYR C 105 -4.84 -15.47 12.72
N CYS C 106 -4.91 -16.47 11.84
CA CYS C 106 -5.02 -16.21 10.42
C CYS C 106 -6.16 -17.05 9.84
N ILE C 107 -7.22 -16.37 9.43
CA ILE C 107 -8.36 -17.07 8.84
C ILE C 107 -8.34 -16.86 7.35
N VAL C 108 -8.47 -17.95 6.60
CA VAL C 108 -8.48 -17.85 5.14
C VAL C 108 -9.69 -18.57 4.56
N SER C 109 -10.53 -17.81 3.85
CA SER C 109 -11.73 -18.36 3.24
C SER C 109 -11.52 -18.44 1.73
N THR C 110 -11.81 -19.60 1.13
CA THR C 110 -11.65 -19.83 -0.31
C THR C 110 -12.98 -20.24 -0.93
N PHE C 111 -13.39 -19.56 -2.01
CA PHE C 111 -14.60 -19.93 -2.76
C PHE C 111 -14.27 -20.23 -4.22
N GLY C 112 -14.58 -21.44 -4.66
CA GLY C 112 -14.40 -21.81 -6.05
C GLY C 112 -15.72 -21.83 -6.79
N LEU C 113 -15.81 -21.06 -7.87
CA LEU C 113 -17.03 -21.04 -8.67
C LEU C 113 -16.77 -21.56 -10.08
N SER C 114 -17.43 -22.66 -10.41
CA SER C 114 -17.20 -23.35 -11.67
C SER C 114 -17.46 -22.44 -12.85
N ILE C 115 -16.48 -22.35 -13.75
CA ILE C 115 -16.63 -21.58 -14.97
C ILE C 115 -17.37 -22.41 -16.02
N ARG C 119 -25.75 -22.18 -17.18
CA ARG C 119 -26.38 -23.38 -17.70
C ARG C 119 -27.77 -23.02 -18.19
N ARG C 120 -28.76 -23.27 -17.33
CA ARG C 120 -30.11 -22.72 -17.50
C ARG C 120 -30.15 -21.29 -16.95
N GLY C 121 -28.97 -20.73 -16.67
CA GLY C 121 -28.89 -19.43 -16.03
C GLY C 121 -29.23 -19.52 -14.56
N LEU C 122 -29.94 -18.51 -14.06
CA LEU C 122 -30.23 -18.37 -12.65
C LEU C 122 -31.04 -19.54 -12.08
N SER C 123 -31.84 -20.19 -12.91
CA SER C 123 -32.70 -21.26 -12.41
C SER C 123 -31.89 -22.47 -11.94
N SER C 124 -30.63 -22.55 -12.38
CA SER C 124 -29.74 -23.63 -11.97
C SER C 124 -28.94 -23.27 -10.72
N LEU C 125 -28.99 -21.99 -10.34
CA LEU C 125 -28.28 -21.52 -9.15
C LEU C 125 -29.08 -21.73 -7.86
N SER C 126 -28.37 -21.70 -6.74
CA SER C 126 -28.92 -22.11 -5.47
C SER C 126 -28.36 -21.23 -4.35
N LEU C 127 -29.11 -21.09 -3.27
CA LEU C 127 -28.71 -20.26 -2.13
C LEU C 127 -28.10 -21.11 -1.00
N ALA C 128 -26.80 -20.94 -0.76
CA ALA C 128 -26.11 -21.65 0.32
C ALA C 128 -25.82 -20.69 1.49
N LYS C 129 -26.17 -21.08 2.70
CA LYS C 129 -26.03 -20.17 3.83
C LYS C 129 -24.92 -20.58 4.78
N SER C 130 -24.32 -19.60 5.45
CA SER C 130 -23.26 -19.82 6.43
C SER C 130 -22.20 -20.80 5.96
N VAL C 131 -21.63 -20.54 4.79
CA VAL C 131 -20.66 -21.49 4.25
C VAL C 131 -19.28 -21.32 4.85
N SER C 132 -18.97 -20.10 5.34
CA SER C 132 -17.67 -19.86 5.96
C SER C 132 -17.73 -19.08 7.26
N THR C 133 -18.41 -19.65 8.25
CA THR C 133 -18.59 -18.98 9.54
C THR C 133 -17.35 -19.07 10.42
N THR C 134 -17.00 -17.95 11.02
CA THR C 134 -15.87 -17.86 11.93
C THR C 134 -16.32 -17.08 13.16
N ASN C 135 -16.09 -17.66 14.33
CA ASN C 135 -16.44 -16.98 15.56
C ASN C 135 -15.34 -17.13 16.59
N ILE C 136 -14.62 -16.04 16.86
CA ILE C 136 -13.62 -16.03 17.92
C ILE C 136 -14.07 -15.08 19.01
#